data_8J7C
#
_entry.id   8J7C
#
_cell.length_a   81.440
_cell.length_b   76.450
_cell.length_c   94.940
_cell.angle_alpha   90.00
_cell.angle_beta   101.14
_cell.angle_gamma   90.00
#
_symmetry.space_group_name_H-M   'C 1 2 1'
#
loop_
_entity.id
_entity.type
_entity.pdbx_description
1 polymer 'Triosephosphate isomerase'
2 non-polymer ARSENIC
3 water water
#
_entity_poly.entity_id   1
_entity_poly.type   'polypeptide(L)'
_entity_poly.pdbx_seq_one_letter_code
;MGSSHHHHHHSSGLVPRGSHMSAKPQPIVAANWKCNGTTASIEKLVQVLNEHQIDHDVQCVVAPSFVHIPMVQAKLCNPK
YAVSAENAIAKSGAFTGEVSMPILKDLGVSWVILGHSERRTYYGETDGVVAQKVADAYNQGFMVIACIGETLQQREANQT
AKVVLSQTAAIAAKLPKEAWSQIVLAYEPVWAIGTGKVATPEQAQEVHALLRQWVSEKIGNGVATKLRILYGGSVTAGNA
KTLYMKPDINGFLVGGASLKPEFRDIIDATR
;
_entity_poly.pdbx_strand_id   A,B
#
loop_
_chem_comp.id
_chem_comp.type
_chem_comp.name
_chem_comp.formula
ARS non-polymer ARSENIC As
#
# COMPACT_ATOMS: atom_id res chain seq x y z
N ALA A 23 20.44 11.07 19.66
CA ALA A 23 19.54 11.99 20.40
C ALA A 23 18.77 12.80 19.35
N LYS A 24 17.46 12.63 19.30
CA LYS A 24 16.61 13.45 18.43
C LYS A 24 15.41 13.96 19.20
N PRO A 25 14.77 15.09 18.78
CA PRO A 25 13.46 15.47 19.32
C PRO A 25 12.38 14.51 18.81
N GLN A 26 11.17 14.64 19.36
CA GLN A 26 10.03 13.80 18.98
C GLN A 26 9.84 13.82 17.45
N PRO A 27 9.77 12.67 16.76
CA PRO A 27 9.51 12.70 15.32
C PRO A 27 8.05 13.05 15.01
N ILE A 28 7.86 13.54 13.78
CA ILE A 28 6.54 13.85 13.23
C ILE A 28 6.41 13.09 11.91
N VAL A 29 5.28 12.42 11.69
CA VAL A 29 4.97 11.84 10.41
C VAL A 29 3.64 12.43 9.97
N ALA A 30 3.68 13.32 8.96
CA ALA A 30 2.52 14.10 8.56
C ALA A 30 2.06 13.68 7.16
N ALA A 31 0.75 13.50 7.03
CA ALA A 31 0.15 13.18 5.76
C ALA A 31 -0.35 14.47 5.10
N ASN A 32 0.15 14.78 3.89
CA ASN A 32 -0.41 15.81 3.06
C ASN A 32 -1.23 15.17 1.93
N TRP A 33 -2.55 15.09 2.13
CA TRP A 33 -3.45 14.52 1.15
C TRP A 33 -3.65 15.44 -0.08
N LYS A 34 -3.15 16.68 -0.01
CA LYS A 34 -3.31 17.64 -1.10
C LYS A 34 -4.79 17.70 -1.51
N CYS A 35 -5.07 17.73 -2.81
CA CYS A 35 -6.44 17.93 -3.26
C CYS A 35 -6.97 16.59 -3.73
N ASN A 36 -6.99 15.61 -2.83
CA ASN A 36 -7.38 14.26 -3.19
C ASN A 36 -8.33 13.66 -2.17
N GLY A 37 -9.25 12.82 -2.67
CA GLY A 37 -10.01 11.94 -1.82
C GLY A 37 -11.51 11.91 -2.15
N THR A 38 -12.13 10.80 -1.72
CA THR A 38 -13.58 10.62 -1.70
C THR A 38 -13.99 10.27 -0.28
N THR A 39 -15.28 10.45 0.02
CA THR A 39 -15.85 9.99 1.29
C THR A 39 -15.48 8.52 1.51
N ALA A 40 -15.69 7.69 0.47
CA ALA A 40 -15.41 6.26 0.50
C ALA A 40 -13.93 5.99 0.80
N SER A 41 -13.01 6.68 0.08
CA SER A 41 -11.60 6.35 0.20
C SER A 41 -11.08 6.81 1.55
N ILE A 42 -11.61 7.94 2.06
CA ILE A 42 -11.18 8.46 3.36
C ILE A 42 -11.68 7.57 4.51
N GLU A 43 -12.95 7.14 4.47
CA GLU A 43 -13.46 6.23 5.49
C GLU A 43 -12.62 4.93 5.54
N LYS A 44 -12.28 4.32 4.39
CA LYS A 44 -11.51 3.07 4.30
C LYS A 44 -10.09 3.27 4.87
N LEU A 45 -9.45 4.41 4.49
CA LEU A 45 -8.09 4.74 4.94
C LEU A 45 -8.05 5.02 6.45
N VAL A 46 -8.94 5.89 6.95
CA VAL A 46 -8.93 6.25 8.36
C VAL A 46 -9.16 5.00 9.23
N GLN A 47 -10.00 4.06 8.77
CA GLN A 47 -10.24 2.82 9.53
C GLN A 47 -8.91 2.06 9.73
N VAL A 48 -8.12 1.92 8.66
CA VAL A 48 -6.87 1.21 8.75
C VAL A 48 -5.87 2.00 9.64
N LEU A 49 -5.88 3.33 9.55
CA LEU A 49 -5.00 4.15 10.39
C LEU A 49 -5.39 4.02 11.88
N ASN A 50 -6.70 3.89 12.13
CA ASN A 50 -7.26 3.72 13.47
C ASN A 50 -6.86 2.38 14.11
N GLU A 51 -6.76 1.30 13.31
CA GLU A 51 -6.39 -0.03 13.77
C GLU A 51 -4.88 -0.20 13.97
N HIS A 52 -4.07 0.74 13.51
CA HIS A 52 -2.64 0.61 13.59
C HIS A 52 -2.15 0.99 14.99
N GLN A 53 -1.54 0.02 15.67
CA GLN A 53 -0.98 0.21 17.00
C GLN A 53 0.39 0.85 16.87
N ILE A 54 0.53 2.01 17.51
CA ILE A 54 1.80 2.69 17.52
C ILE A 54 2.31 2.71 18.96
N ASP A 55 3.46 2.08 19.22
CA ASP A 55 4.00 1.94 20.58
C ASP A 55 5.26 2.78 20.83
N HIS A 56 5.51 3.86 20.05
CA HIS A 56 6.61 4.78 20.33
C HIS A 56 6.12 6.24 20.25
N ASP A 57 6.97 7.13 20.76
CA ASP A 57 6.66 8.55 20.84
C ASP A 57 6.84 9.18 19.45
N VAL A 58 5.70 9.45 18.81
CA VAL A 58 5.68 10.08 17.49
C VAL A 58 4.41 10.91 17.37
N GLN A 59 4.52 12.12 16.79
CA GLN A 59 3.37 12.95 16.49
C GLN A 59 2.94 12.67 15.05
N CYS A 60 1.76 12.09 14.92
CA CYS A 60 1.19 11.85 13.60
C CYS A 60 0.23 13.02 13.29
N VAL A 61 0.18 13.39 12.01
CA VAL A 61 -0.62 14.49 11.52
C VAL A 61 -1.27 14.02 10.21
N VAL A 62 -2.58 14.28 10.07
N VAL A 62 -2.56 14.32 10.06
CA VAL A 62 -3.28 14.18 8.80
CA VAL A 62 -3.22 14.18 8.78
C VAL A 62 -3.77 15.56 8.39
C VAL A 62 -3.80 15.53 8.37
N ALA A 63 -3.42 15.96 7.17
CA ALA A 63 -3.93 17.20 6.56
C ALA A 63 -4.81 16.83 5.37
N PRO A 64 -6.16 16.79 5.56
CA PRO A 64 -7.12 16.60 4.47
C PRO A 64 -7.43 17.90 3.74
N SER A 65 -8.12 17.81 2.58
CA SER A 65 -8.66 19.01 1.96
C SER A 65 -9.69 19.61 2.92
N PHE A 66 -9.95 20.93 2.80
CA PHE A 66 -10.78 21.57 3.82
C PHE A 66 -12.13 20.83 4.01
N VAL A 67 -12.74 20.36 2.92
CA VAL A 67 -14.13 19.88 3.02
C VAL A 67 -14.17 18.51 3.70
N HIS A 68 -13.01 17.85 3.77
CA HIS A 68 -12.86 16.52 4.37
C HIS A 68 -12.47 16.61 5.85
N ILE A 69 -12.19 17.82 6.35
CA ILE A 69 -11.68 17.97 7.71
C ILE A 69 -12.71 17.42 8.70
N PRO A 70 -14.01 17.79 8.57
CA PRO A 70 -15.05 17.29 9.49
C PRO A 70 -15.14 15.76 9.58
N MET A 71 -15.16 15.05 8.44
CA MET A 71 -15.31 13.59 8.49
C MET A 71 -14.07 12.92 9.10
N VAL A 72 -12.88 13.52 8.87
CA VAL A 72 -11.63 13.04 9.45
C VAL A 72 -11.63 13.27 10.95
N GLN A 73 -11.98 14.48 11.41
CA GLN A 73 -12.08 14.72 12.84
C GLN A 73 -13.08 13.76 13.50
N ALA A 74 -14.17 13.46 12.79
CA ALA A 74 -15.23 12.62 13.34
C ALA A 74 -14.77 11.16 13.49
N LYS A 75 -14.04 10.62 12.50
CA LYS A 75 -13.75 9.18 12.42
C LYS A 75 -12.38 8.81 13.01
N LEU A 76 -11.44 9.75 13.12
CA LEU A 76 -10.07 9.41 13.48
C LEU A 76 -9.93 9.30 14.99
N CYS A 77 -9.53 8.11 15.47
CA CYS A 77 -9.50 7.84 16.92
C CYS A 77 -8.07 7.54 17.41
N ASN A 78 -7.12 7.39 16.49
CA ASN A 78 -5.76 6.97 16.83
C ASN A 78 -5.17 8.02 17.77
N PRO A 79 -4.70 7.64 18.99
CA PRO A 79 -4.24 8.63 19.96
C PRO A 79 -3.01 9.43 19.54
N LYS A 80 -2.23 8.97 18.55
CA LYS A 80 -1.03 9.67 18.13
C LYS A 80 -1.25 10.77 17.07
N TYR A 81 -2.49 10.96 16.62
CA TYR A 81 -2.79 11.85 15.51
C TYR A 81 -3.36 13.21 15.96
N ALA A 82 -3.01 14.27 15.22
CA ALA A 82 -3.72 15.53 15.20
C ALA A 82 -4.14 15.78 13.75
N VAL A 83 -5.23 16.54 13.59
CA VAL A 83 -5.65 16.99 12.27
C VAL A 83 -5.06 18.37 11.99
N SER A 84 -4.61 18.53 10.73
CA SER A 84 -4.04 19.79 10.24
C SER A 84 -4.82 20.31 9.04
N ALA A 85 -4.87 21.63 8.83
CA ALA A 85 -5.29 22.21 7.55
C ALA A 85 -4.07 22.23 6.62
N GLU A 86 -4.35 22.38 5.31
CA GLU A 86 -3.31 22.39 4.30
C GLU A 86 -2.89 23.82 3.95
N ASN A 87 -3.60 24.80 4.52
CA ASN A 87 -3.39 26.22 4.25
C ASN A 87 -4.37 26.99 5.14
N ALA A 88 -4.15 28.30 5.30
CA ALA A 88 -5.11 29.15 5.96
C ALA A 88 -4.75 30.61 5.67
N ILE A 89 -5.72 31.51 5.94
CA ILE A 89 -5.49 32.96 6.01
C ILE A 89 -5.66 33.40 7.46
N ALA A 90 -5.11 34.57 7.77
CA ALA A 90 -4.98 35.04 9.15
C ALA A 90 -6.33 35.34 9.78
N LYS A 91 -7.21 36.02 9.05
CA LYS A 91 -8.39 36.55 9.70
C LYS A 91 -9.65 36.20 8.91
N SER A 92 -10.75 36.10 9.67
CA SER A 92 -12.09 35.96 9.12
C SER A 92 -12.54 37.31 8.52
N GLY A 93 -13.53 37.23 7.62
CA GLY A 93 -14.07 38.41 6.94
C GLY A 93 -14.35 38.15 5.48
N ALA A 94 -14.17 39.21 4.70
CA ALA A 94 -14.66 39.23 3.33
C ALA A 94 -13.58 38.68 2.40
N PHE A 95 -13.33 37.37 2.50
CA PHE A 95 -12.25 36.69 1.79
C PHE A 95 -12.88 35.47 1.15
N THR A 96 -13.79 35.71 0.22
CA THR A 96 -14.58 34.65 -0.40
C THR A 96 -13.70 33.48 -0.84
N GLY A 97 -14.01 32.28 -0.34
CA GLY A 97 -13.39 31.05 -0.79
C GLY A 97 -12.24 30.58 0.11
N GLU A 98 -11.82 31.43 1.05
CA GLU A 98 -10.71 31.11 1.94
C GLU A 98 -11.23 30.68 3.30
N VAL A 99 -10.36 29.98 4.06
CA VAL A 99 -10.61 29.50 5.39
C VAL A 99 -9.59 30.14 6.33
N SER A 100 -10.07 30.78 7.41
CA SER A 100 -9.24 31.56 8.33
C SER A 100 -8.76 30.70 9.50
N MET A 101 -7.74 31.21 10.20
CA MET A 101 -7.21 30.49 11.33
C MET A 101 -8.24 30.51 12.46
N PRO A 102 -8.98 31.60 12.75
CA PRO A 102 -10.03 31.56 13.78
C PRO A 102 -11.10 30.48 13.53
N ILE A 103 -11.55 30.35 12.28
CA ILE A 103 -12.51 29.33 11.90
C ILE A 103 -11.94 27.92 12.19
N LEU A 104 -10.67 27.67 11.82
CA LEU A 104 -10.04 26.39 12.11
C LEU A 104 -10.00 26.11 13.63
N LYS A 105 -9.63 27.11 14.43
CA LYS A 105 -9.55 26.89 15.87
C LYS A 105 -10.93 26.56 16.43
N ASP A 106 -11.97 27.30 16.01
CA ASP A 106 -13.33 27.02 16.44
C ASP A 106 -13.67 25.58 16.11
N LEU A 107 -13.19 25.10 14.96
CA LEU A 107 -13.42 23.74 14.53
C LEU A 107 -12.63 22.73 15.34
N GLY A 108 -11.61 23.14 16.10
CA GLY A 108 -10.81 22.19 16.86
C GLY A 108 -9.53 21.78 16.14
N VAL A 109 -9.13 22.49 15.08
CA VAL A 109 -7.88 22.21 14.36
C VAL A 109 -6.80 23.15 14.87
N SER A 110 -5.63 22.60 15.31
CA SER A 110 -4.56 23.45 15.82
C SER A 110 -3.23 23.14 15.13
N TRP A 111 -3.27 22.50 13.94
CA TRP A 111 -2.12 22.40 13.06
C TRP A 111 -2.41 22.99 11.68
N VAL A 112 -1.37 23.52 11.02
CA VAL A 112 -1.52 24.03 9.66
C VAL A 112 -0.18 23.92 8.94
N ILE A 113 -0.29 23.48 7.68
CA ILE A 113 0.79 23.50 6.72
C ILE A 113 0.75 24.86 6.02
N LEU A 114 1.93 25.47 5.92
CA LEU A 114 2.03 26.76 5.28
C LEU A 114 3.28 26.78 4.42
N GLY A 115 3.15 27.51 3.30
CA GLY A 115 4.23 27.70 2.35
C GLY A 115 4.56 26.45 1.52
N HIS A 116 3.62 25.53 1.36
CA HIS A 116 3.86 24.38 0.50
C HIS A 116 4.30 24.90 -0.87
N SER A 117 5.23 24.22 -1.55
CA SER A 117 5.75 24.62 -2.86
C SER A 117 4.61 24.84 -3.89
N GLU A 118 3.53 24.06 -3.81
CA GLU A 118 2.42 24.23 -4.74
C GLU A 118 1.77 25.59 -4.57
N ARG A 119 1.70 26.05 -3.31
CA ARG A 119 1.10 27.34 -3.03
C ARG A 119 2.05 28.49 -3.37
N ARG A 120 3.37 28.27 -3.17
CA ARG A 120 4.38 29.24 -3.56
C ARG A 120 4.40 29.39 -5.08
N THR A 121 4.20 28.30 -5.80
CA THR A 121 4.31 28.25 -7.26
C THR A 121 3.03 28.77 -7.93
N TYR A 122 1.84 28.31 -7.47
CA TYR A 122 0.61 28.52 -8.21
C TYR A 122 -0.28 29.62 -7.61
N TYR A 123 -0.17 29.89 -6.29
CA TYR A 123 -1.17 30.68 -5.61
C TYR A 123 -0.59 31.92 -4.91
N GLY A 124 0.52 32.48 -5.43
CA GLY A 124 0.96 33.83 -5.08
C GLY A 124 1.66 33.95 -3.74
N GLU A 125 2.09 32.82 -3.15
CA GLU A 125 2.66 32.88 -1.81
C GLU A 125 4.16 33.14 -1.93
N THR A 126 4.50 34.42 -1.91
CA THR A 126 5.90 34.85 -1.85
C THR A 126 6.48 34.49 -0.50
N ASP A 127 7.78 34.71 -0.30
CA ASP A 127 8.43 34.51 0.99
C ASP A 127 7.76 35.35 2.08
N GLY A 128 7.41 36.60 1.77
CA GLY A 128 6.80 37.48 2.75
C GLY A 128 5.37 37.04 3.10
N VAL A 129 4.62 36.57 2.12
CA VAL A 129 3.27 36.08 2.39
C VAL A 129 3.38 34.88 3.31
N VAL A 130 4.29 33.95 3.01
CA VAL A 130 4.43 32.75 3.81
C VAL A 130 4.85 33.14 5.23
N ALA A 131 5.84 34.05 5.35
CA ALA A 131 6.38 34.43 6.66
C ALA A 131 5.29 35.08 7.51
N GLN A 132 4.43 35.90 6.90
CA GLN A 132 3.35 36.56 7.64
C GLN A 132 2.32 35.52 8.08
N LYS A 133 2.01 34.54 7.20
CA LYS A 133 1.06 33.49 7.57
C LYS A 133 1.58 32.69 8.77
N VAL A 134 2.87 32.38 8.78
CA VAL A 134 3.47 31.60 9.86
C VAL A 134 3.38 32.38 11.16
N ALA A 135 3.70 33.68 11.12
CA ALA A 135 3.60 34.53 12.31
C ALA A 135 2.16 34.59 12.82
N ASP A 136 1.20 34.74 11.89
CA ASP A 136 -0.20 34.79 12.28
C ASP A 136 -0.60 33.48 12.98
N ALA A 137 -0.21 32.32 12.42
CA ALA A 137 -0.56 31.04 13.01
C ALA A 137 0.05 30.89 14.42
N TYR A 138 1.33 31.24 14.53
CA TYR A 138 2.06 31.22 15.80
C TYR A 138 1.27 32.00 16.84
N ASN A 139 0.90 33.23 16.49
CA ASN A 139 0.26 34.16 17.40
C ASN A 139 -1.16 33.67 17.74
N GLN A 140 -1.77 32.82 16.93
CA GLN A 140 -3.08 32.27 17.25
C GLN A 140 -2.96 30.85 17.83
N GLY A 141 -1.74 30.45 18.26
CA GLY A 141 -1.50 29.25 19.01
C GLY A 141 -1.44 27.94 18.18
N PHE A 142 -1.17 28.03 16.87
CA PHE A 142 -1.07 26.85 16.03
C PHE A 142 0.34 26.26 16.14
N MET A 143 0.40 24.92 15.96
CA MET A 143 1.56 24.22 15.42
C MET A 143 1.60 24.42 13.89
N VAL A 144 2.79 24.78 13.37
CA VAL A 144 2.99 25.13 11.96
C VAL A 144 4.02 24.20 11.34
N ILE A 145 3.66 23.51 10.25
CA ILE A 145 4.62 22.90 9.35
C ILE A 145 4.88 23.89 8.21
N ALA A 146 6.01 24.61 8.29
CA ALA A 146 6.40 25.60 7.29
C ALA A 146 7.32 24.96 6.25
N CYS A 147 6.97 25.09 4.98
CA CYS A 147 7.63 24.42 3.89
C CYS A 147 8.61 25.38 3.19
N ILE A 148 9.83 24.86 2.93
CA ILE A 148 10.87 25.53 2.17
C ILE A 148 11.42 24.52 1.16
N GLY A 149 12.13 25.00 0.13
CA GLY A 149 12.82 24.13 -0.80
C GLY A 149 13.12 24.84 -2.12
N GLU A 150 14.12 24.34 -2.83
CA GLU A 150 14.60 25.01 -4.02
C GLU A 150 14.18 24.24 -5.28
N THR A 151 13.97 24.99 -6.38
CA THR A 151 13.66 24.44 -7.70
C THR A 151 14.89 23.79 -8.36
N LEU A 152 14.68 23.08 -9.50
CA LEU A 152 15.77 22.49 -10.27
C LEU A 152 16.67 23.59 -10.84
N GLN A 153 16.08 24.70 -11.34
CA GLN A 153 16.85 25.84 -11.86
C GLN A 153 17.76 26.41 -10.77
N GLN A 154 17.21 26.57 -9.56
CA GLN A 154 17.97 27.08 -8.43
C GLN A 154 19.06 26.08 -8.06
N ARG A 155 18.75 24.76 -8.05
CA ARG A 155 19.75 23.75 -7.68
C ARG A 155 20.90 23.72 -8.72
N GLU A 156 20.56 23.82 -10.01
CA GLU A 156 21.58 23.71 -11.04
C GLU A 156 22.47 24.96 -11.12
N ALA A 157 22.02 26.11 -10.57
CA ALA A 157 22.81 27.33 -10.41
C ALA A 157 23.54 27.35 -9.06
N ASN A 158 23.66 26.21 -8.35
CA ASN A 158 24.39 26.17 -7.07
C ASN A 158 23.75 27.03 -5.98
N GLN A 159 22.42 27.16 -5.96
CA GLN A 159 21.79 28.10 -5.03
C GLN A 159 20.94 27.39 -3.96
N THR A 160 21.18 26.10 -3.67
CA THR A 160 20.45 25.37 -2.66
C THR A 160 20.49 26.05 -1.29
N ALA A 161 21.70 26.28 -0.74
CA ALA A 161 21.87 26.92 0.54
C ALA A 161 21.25 28.32 0.57
N LYS A 162 21.58 29.15 -0.42
CA LYS A 162 21.08 30.51 -0.45
C LYS A 162 19.54 30.52 -0.38
N VAL A 163 18.90 29.65 -1.17
CA VAL A 163 17.46 29.68 -1.31
C VAL A 163 16.79 29.16 -0.04
N VAL A 164 17.16 27.96 0.45
CA VAL A 164 16.47 27.42 1.63
C VAL A 164 16.74 28.31 2.86
N LEU A 165 17.98 28.86 2.95
CA LEU A 165 18.30 29.71 4.09
C LEU A 165 17.54 31.05 3.99
N SER A 166 17.37 31.59 2.77
CA SER A 166 16.65 32.85 2.55
C SER A 166 15.15 32.68 2.86
N GLN A 167 14.57 31.53 2.52
CA GLN A 167 13.18 31.22 2.83
C GLN A 167 12.95 31.08 4.33
N THR A 168 13.85 30.34 5.02
CA THR A 168 13.82 30.17 6.47
C THR A 168 13.99 31.51 7.17
N ALA A 169 14.91 32.34 6.63
CA ALA A 169 15.21 33.67 7.18
C ALA A 169 13.98 34.58 7.13
N ALA A 170 13.22 34.53 6.03
CA ALA A 170 11.99 35.31 5.88
C ALA A 170 10.99 34.96 6.97
N ILE A 171 10.86 33.65 7.27
CA ILE A 171 9.99 33.17 8.35
C ILE A 171 10.51 33.58 9.73
N ALA A 172 11.79 33.29 9.99
CA ALA A 172 12.41 33.65 11.27
C ALA A 172 12.28 35.16 11.55
N ALA A 173 12.33 36.00 10.51
CA ALA A 173 12.33 37.46 10.72
C ALA A 173 11.08 37.96 11.44
N LYS A 174 9.94 37.24 11.31
CA LYS A 174 8.68 37.65 11.92
C LYS A 174 8.40 36.94 13.26
N LEU A 175 9.36 36.19 13.81
CA LEU A 175 9.11 35.35 14.99
C LEU A 175 10.00 35.77 16.15
N PRO A 176 9.50 35.83 17.40
CA PRO A 176 10.38 35.88 18.57
C PRO A 176 10.93 34.47 18.83
N LYS A 177 12.05 34.45 19.55
CA LYS A 177 12.79 33.24 19.83
C LYS A 177 11.90 32.12 20.39
N GLU A 178 10.96 32.46 21.29
CA GLU A 178 10.12 31.49 21.97
C GLU A 178 9.06 30.87 21.03
N ALA A 179 8.83 31.40 19.83
CA ALA A 179 7.86 30.85 18.89
C ALA A 179 8.27 29.49 18.33
N TRP A 180 9.57 29.15 18.40
CA TRP A 180 10.12 28.00 17.68
C TRP A 180 9.60 26.67 18.25
N SER A 181 9.10 26.64 19.49
CA SER A 181 8.49 25.42 19.99
C SER A 181 7.22 25.10 19.19
N GLN A 182 6.70 26.07 18.44
CA GLN A 182 5.48 25.87 17.65
C GLN A 182 5.78 25.69 16.15
N ILE A 183 7.08 25.69 15.80
CA ILE A 183 7.52 25.60 14.41
C ILE A 183 8.14 24.23 14.11
N VAL A 184 7.77 23.70 12.95
CA VAL A 184 8.36 22.52 12.33
C VAL A 184 8.76 22.92 10.92
N LEU A 185 9.99 22.65 10.48
CA LEU A 185 10.32 22.88 9.09
C LEU A 185 10.10 21.58 8.28
N ALA A 186 9.66 21.75 7.02
CA ALA A 186 9.57 20.68 6.06
C ALA A 186 10.31 21.10 4.78
N TYR A 187 11.36 20.33 4.45
CA TYR A 187 12.19 20.57 3.28
C TYR A 187 11.62 19.82 2.08
N GLU A 188 11.19 20.55 1.06
CA GLU A 188 10.74 19.95 -0.19
C GLU A 188 11.84 20.07 -1.24
N PRO A 189 12.43 18.94 -1.71
CA PRO A 189 13.32 18.97 -2.87
C PRO A 189 12.50 19.10 -4.15
N VAL A 190 12.02 20.32 -4.40
CA VAL A 190 11.16 20.64 -5.53
C VAL A 190 11.87 20.16 -6.81
N TRP A 191 13.21 20.28 -6.80
CA TRP A 191 14.10 19.95 -7.92
C TRP A 191 13.93 18.52 -8.43
N ALA A 192 13.25 17.67 -7.67
CA ALA A 192 13.07 16.27 -8.00
C ALA A 192 11.62 15.94 -8.35
N ILE A 193 10.70 16.90 -8.45
CA ILE A 193 9.33 16.52 -8.74
C ILE A 193 8.98 17.10 -10.12
N ALA A 199 16.07 12.31 -5.31
CA ALA A 199 16.98 12.71 -4.21
C ALA A 199 17.37 11.47 -3.40
N THR A 200 18.67 11.35 -3.13
CA THR A 200 19.25 10.33 -2.28
C THR A 200 19.06 10.76 -0.82
N PRO A 201 19.04 9.82 0.16
CA PRO A 201 19.02 10.22 1.57
C PRO A 201 20.17 11.15 1.98
N GLU A 202 21.32 11.07 1.28
CA GLU A 202 22.52 11.86 1.60
C GLU A 202 22.33 13.32 1.17
N GLN A 203 21.74 13.55 -0.02
CA GLN A 203 21.35 14.89 -0.47
C GLN A 203 20.30 15.53 0.47
N ALA A 204 19.31 14.74 0.95
CA ALA A 204 18.35 15.21 1.94
C ALA A 204 19.06 15.60 3.24
N GLN A 205 19.88 14.69 3.81
CA GLN A 205 20.67 14.98 5.02
C GLN A 205 21.50 16.26 4.90
N GLU A 206 22.15 16.47 3.75
CA GLU A 206 23.01 17.63 3.57
C GLU A 206 22.18 18.92 3.74
N VAL A 207 20.95 18.99 3.19
CA VAL A 207 20.11 20.18 3.31
C VAL A 207 19.59 20.35 4.75
N HIS A 208 19.10 19.26 5.36
CA HIS A 208 18.68 19.29 6.76
C HIS A 208 19.81 19.81 7.66
N ALA A 209 21.04 19.31 7.50
CA ALA A 209 22.18 19.73 8.32
C ALA A 209 22.43 21.23 8.18
N LEU A 210 22.38 21.70 6.93
CA LEU A 210 22.59 23.10 6.56
C LEU A 210 21.52 24.01 7.19
N LEU A 211 20.24 23.57 7.15
CA LEU A 211 19.15 24.26 7.84
C LEU A 211 19.40 24.32 9.36
N ARG A 212 19.78 23.18 9.98
CA ARG A 212 19.95 23.15 11.43
C ARG A 212 21.10 24.05 11.88
N GLN A 213 22.20 24.05 11.11
CA GLN A 213 23.37 24.89 11.35
C GLN A 213 22.96 26.37 11.41
N TRP A 214 22.12 26.77 10.45
CA TRP A 214 21.66 28.14 10.36
C TRP A 214 20.85 28.53 11.61
N VAL A 215 19.91 27.66 11.97
CA VAL A 215 19.05 27.95 13.12
C VAL A 215 19.90 28.02 14.40
N SER A 216 20.89 27.09 14.50
CA SER A 216 21.82 27.02 15.61
C SER A 216 22.62 28.31 15.76
N GLU A 217 23.29 28.77 14.69
CA GLU A 217 24.09 29.99 14.72
C GLU A 217 23.21 31.25 14.89
N LYS A 218 22.06 31.34 14.20
CA LYS A 218 21.33 32.61 14.13
C LYS A 218 20.27 32.72 15.23
N ILE A 219 19.64 31.61 15.62
CA ILE A 219 18.49 31.66 16.51
C ILE A 219 18.88 31.15 17.87
N GLY A 220 19.61 30.03 17.91
CA GLY A 220 20.14 29.53 19.16
C GLY A 220 20.40 28.03 19.11
N ASN A 221 21.38 27.60 19.90
CA ASN A 221 21.80 26.22 19.94
C ASN A 221 20.67 25.31 20.47
N GLY A 222 19.98 25.78 21.52
CA GLY A 222 18.92 25.02 22.16
C GLY A 222 17.74 24.83 21.21
N VAL A 223 17.40 25.92 20.51
CA VAL A 223 16.30 25.92 19.55
C VAL A 223 16.56 24.91 18.42
N ALA A 224 17.81 24.87 17.93
CA ALA A 224 18.21 24.00 16.83
C ALA A 224 18.13 22.52 17.19
N THR A 225 18.57 22.19 18.41
CA THR A 225 18.54 20.81 18.87
C THR A 225 17.09 20.30 18.84
N LYS A 226 16.18 21.14 19.29
CA LYS A 226 14.82 20.72 19.57
C LYS A 226 13.91 20.79 18.33
N LEU A 227 14.30 21.55 17.32
CA LEU A 227 13.47 21.78 16.13
C LEU A 227 13.31 20.51 15.31
N ARG A 228 12.08 20.22 14.86
CA ARG A 228 11.88 19.14 13.91
C ARG A 228 12.04 19.68 12.49
N ILE A 229 12.94 19.01 11.71
CA ILE A 229 13.10 19.22 10.27
C ILE A 229 12.67 17.94 9.57
N LEU A 230 11.49 18.01 8.93
CA LEU A 230 10.86 16.91 8.22
C LEU A 230 11.29 16.90 6.78
N TYR A 231 11.53 15.69 6.28
CA TYR A 231 11.79 15.50 4.87
C TYR A 231 10.47 15.37 4.12
N GLY A 232 10.36 16.16 3.04
CA GLY A 232 9.14 16.24 2.26
C GLY A 232 9.37 15.98 0.77
N GLY A 233 10.40 15.24 0.42
CA GLY A 233 10.48 14.68 -0.92
C GLY A 233 9.68 13.37 -0.97
N SER A 234 10.05 12.50 -1.92
CA SER A 234 9.34 11.26 -2.16
C SER A 234 9.61 10.27 -1.01
N VAL A 235 8.59 9.98 -0.18
CA VAL A 235 8.70 9.06 0.96
C VAL A 235 7.76 7.87 0.73
N THR A 236 8.30 6.65 0.84
CA THR A 236 7.53 5.42 0.68
C THR A 236 7.89 4.49 1.81
N ALA A 237 7.10 3.39 1.96
CA ALA A 237 7.51 2.32 2.86
C ALA A 237 8.91 1.82 2.50
N GLY A 238 9.30 1.86 1.23
CA GLY A 238 10.59 1.34 0.79
C GLY A 238 11.80 2.15 1.25
N ASN A 239 11.71 3.49 1.34
CA ASN A 239 12.87 4.32 1.67
C ASN A 239 12.82 4.99 3.06
N ALA A 240 11.69 4.91 3.80
CA ALA A 240 11.50 5.72 5.00
C ALA A 240 12.56 5.42 6.07
N LYS A 241 12.82 4.12 6.33
CA LYS A 241 13.75 3.74 7.38
C LYS A 241 15.13 4.29 7.07
N THR A 242 15.61 4.16 5.81
N THR A 242 15.54 4.15 5.80
CA THR A 242 16.93 4.68 5.47
CA THR A 242 16.83 4.63 5.33
C THR A 242 16.95 6.19 5.62
C THR A 242 16.94 6.15 5.54
N LEU A 243 15.86 6.88 5.27
CA LEU A 243 15.84 8.33 5.44
C LEU A 243 15.90 8.72 6.92
N TYR A 244 15.17 8.02 7.80
CA TYR A 244 15.11 8.43 9.20
C TYR A 244 16.39 8.08 10.01
N MET A 245 17.24 7.19 9.46
CA MET A 245 18.58 6.90 10.00
C MET A 245 19.44 8.17 10.02
N LYS A 246 19.20 9.15 9.15
CA LYS A 246 20.03 10.34 9.07
C LYS A 246 19.82 11.23 10.30
N PRO A 247 20.91 11.82 10.88
CA PRO A 247 20.83 12.52 12.16
C PRO A 247 20.02 13.82 12.19
N ASP A 248 19.76 14.43 11.03
CA ASP A 248 19.08 15.72 11.01
C ASP A 248 17.69 15.62 10.34
N ILE A 249 17.17 14.40 10.19
CA ILE A 249 15.84 14.12 9.64
C ILE A 249 14.94 13.63 10.79
N ASN A 250 13.88 14.39 11.08
CA ASN A 250 13.06 14.15 12.26
C ASN A 250 11.65 13.67 11.88
N GLY A 251 11.51 13.18 10.65
CA GLY A 251 10.28 12.59 10.15
C GLY A 251 9.97 13.12 8.75
N PHE A 252 8.68 13.17 8.41
CA PHE A 252 8.29 13.26 7.01
C PHE A 252 7.04 14.12 6.85
N LEU A 253 7.00 14.83 5.71
CA LEU A 253 5.76 15.36 5.14
C LEU A 253 5.48 14.55 3.86
N VAL A 254 4.52 13.62 3.94
CA VAL A 254 4.35 12.56 2.98
C VAL A 254 3.27 12.98 1.99
N GLY A 255 3.57 12.74 0.71
CA GLY A 255 2.65 13.02 -0.37
C GLY A 255 1.87 11.76 -0.74
N GLY A 256 2.20 11.19 -1.90
CA GLY A 256 1.35 10.16 -2.52
C GLY A 256 1.10 8.96 -1.59
N ALA A 257 2.14 8.52 -0.88
CA ALA A 257 2.03 7.30 -0.08
C ALA A 257 1.13 7.45 1.15
N SER A 258 0.83 8.70 1.57
CA SER A 258 -0.04 8.96 2.70
C SER A 258 -1.54 8.77 2.37
N LEU A 259 -1.85 8.54 1.07
CA LEU A 259 -3.19 8.15 0.63
C LEU A 259 -3.38 6.64 0.65
N LYS A 260 -2.44 5.90 1.25
CA LYS A 260 -2.42 4.45 1.15
C LYS A 260 -2.09 3.85 2.52
N PRO A 261 -2.48 2.59 2.78
CA PRO A 261 -2.11 1.93 4.04
C PRO A 261 -0.62 1.92 4.37
N GLU A 262 0.23 2.05 3.33
CA GLU A 262 1.68 2.24 3.38
C GLU A 262 2.13 3.31 4.40
N PHE A 263 1.26 4.31 4.68
CA PHE A 263 1.57 5.38 5.61
C PHE A 263 1.93 4.80 6.97
N ARG A 264 1.23 3.73 7.36
CA ARG A 264 1.47 3.06 8.63
C ARG A 264 2.92 2.61 8.72
N ASP A 265 3.43 1.99 7.65
CA ASP A 265 4.82 1.57 7.63
C ASP A 265 5.77 2.76 7.69
N ILE A 266 5.37 3.91 7.15
CA ILE A 266 6.24 5.08 7.20
C ILE A 266 6.29 5.55 8.66
N ILE A 267 5.15 5.52 9.34
CA ILE A 267 5.15 5.79 10.77
C ILE A 267 6.10 4.85 11.53
N ASP A 268 6.04 3.53 11.26
CA ASP A 268 6.87 2.52 11.95
C ASP A 268 8.37 2.80 11.73
N ALA A 269 8.72 3.38 10.58
CA ALA A 269 10.10 3.63 10.22
C ALA A 269 10.75 4.71 11.11
N THR A 270 9.95 5.44 11.93
CA THR A 270 10.56 6.41 12.85
C THR A 270 10.76 5.85 14.25
N ARG A 271 10.64 4.52 14.40
CA ARG A 271 11.10 3.85 15.60
C ARG A 271 12.64 3.92 15.63
N ALA B 23 12.79 -20.01 5.57
CA ALA B 23 13.06 -19.69 4.16
C ALA B 23 11.87 -20.15 3.33
N LYS B 24 10.92 -19.26 3.17
CA LYS B 24 9.72 -19.58 2.38
C LYS B 24 10.09 -19.76 0.90
N PRO B 25 9.36 -20.59 0.13
CA PRO B 25 9.58 -20.61 -1.30
C PRO B 25 9.11 -19.30 -1.94
N GLN B 26 9.30 -19.23 -3.25
CA GLN B 26 8.95 -18.06 -4.02
C GLN B 26 7.47 -17.72 -3.83
N PRO B 27 7.11 -16.49 -3.43
CA PRO B 27 5.70 -16.11 -3.30
C PRO B 27 5.04 -15.95 -4.66
N ILE B 28 3.72 -16.10 -4.68
CA ILE B 28 2.87 -15.83 -5.83
C ILE B 28 1.83 -14.81 -5.41
N VAL B 29 1.61 -13.82 -6.28
CA VAL B 29 0.48 -12.95 -6.13
C VAL B 29 -0.34 -13.04 -7.42
N ALA B 30 -1.55 -13.62 -7.29
CA ALA B 30 -2.37 -13.94 -8.45
C ALA B 30 -3.63 -13.08 -8.46
N ALA B 31 -3.95 -12.52 -9.63
CA ALA B 31 -5.18 -11.78 -9.80
C ALA B 31 -6.23 -12.68 -10.44
N ASN B 32 -7.36 -12.86 -9.73
CA ASN B 32 -8.54 -13.47 -10.31
C ASN B 32 -9.53 -12.36 -10.66
N TRP B 33 -9.59 -11.97 -11.94
CA TRP B 33 -10.54 -10.94 -12.35
C TRP B 33 -11.97 -11.45 -12.42
N LYS B 34 -12.14 -12.77 -12.27
CA LYS B 34 -13.46 -13.37 -12.34
C LYS B 34 -14.14 -12.94 -13.66
N CYS B 35 -15.44 -12.59 -13.58
CA CYS B 35 -16.22 -12.26 -14.75
C CYS B 35 -16.38 -10.74 -14.82
N ASN B 36 -15.26 -10.00 -14.94
CA ASN B 36 -15.32 -8.54 -14.89
C ASN B 36 -14.33 -7.94 -15.86
N GLY B 37 -14.71 -6.77 -16.37
CA GLY B 37 -13.80 -5.95 -17.17
C GLY B 37 -14.44 -5.43 -18.47
N THR B 38 -13.86 -4.33 -18.97
CA THR B 38 -14.11 -3.82 -20.31
C THR B 38 -12.75 -3.66 -21.00
N THR B 39 -12.73 -3.54 -22.33
CA THR B 39 -11.52 -3.17 -23.07
C THR B 39 -10.85 -1.95 -22.45
N ALA B 40 -11.64 -0.92 -22.18
CA ALA B 40 -11.18 0.34 -21.57
C ALA B 40 -10.50 0.08 -20.21
N SER B 41 -11.22 -0.58 -19.28
CA SER B 41 -10.71 -0.70 -17.91
C SER B 41 -9.44 -1.55 -17.88
N ILE B 42 -9.40 -2.55 -18.76
CA ILE B 42 -8.29 -3.49 -18.79
C ILE B 42 -7.04 -2.80 -19.34
N GLU B 43 -7.18 -2.01 -20.41
CA GLU B 43 -6.03 -1.32 -20.96
C GLU B 43 -5.43 -0.41 -19.88
N LYS B 44 -6.28 0.29 -19.13
CA LYS B 44 -5.87 1.22 -18.07
C LYS B 44 -5.15 0.46 -16.96
N LEU B 45 -5.76 -0.65 -16.51
CA LEU B 45 -5.20 -1.44 -15.42
C LEU B 45 -3.87 -2.07 -15.82
N VAL B 46 -3.82 -2.68 -17.00
CA VAL B 46 -2.57 -3.32 -17.44
C VAL B 46 -1.45 -2.28 -17.55
N GLN B 47 -1.76 -1.04 -17.98
CA GLN B 47 -0.73 0.00 -18.06
C GLN B 47 -0.22 0.31 -16.64
N VAL B 48 -1.10 0.42 -15.66
CA VAL B 48 -0.65 0.63 -14.28
C VAL B 48 0.25 -0.53 -13.82
N LEU B 49 -0.11 -1.77 -14.16
CA LEU B 49 0.67 -2.91 -13.69
C LEU B 49 2.05 -2.93 -14.39
N ASN B 50 2.06 -2.50 -15.67
CA ASN B 50 3.28 -2.40 -16.47
C ASN B 50 4.29 -1.39 -15.90
N GLU B 51 3.80 -0.26 -15.36
CA GLU B 51 4.62 0.83 -14.86
C GLU B 51 5.09 0.54 -13.43
N HIS B 52 4.58 -0.53 -12.82
CA HIS B 52 4.94 -0.86 -11.46
C HIS B 52 6.28 -1.62 -11.40
N GLN B 53 7.26 -1.03 -10.69
CA GLN B 53 8.56 -1.68 -10.53
C GLN B 53 8.50 -2.71 -9.39
N ILE B 54 8.94 -3.93 -9.69
CA ILE B 54 9.01 -5.02 -8.74
C ILE B 54 10.47 -5.46 -8.63
N ASP B 55 11.07 -5.32 -7.43
CA ASP B 55 12.50 -5.57 -7.26
C ASP B 55 12.79 -6.88 -6.53
N HIS B 56 11.78 -7.69 -6.22
CA HIS B 56 12.02 -8.91 -5.46
C HIS B 56 11.55 -10.10 -6.28
N ASP B 57 11.90 -11.28 -5.80
CA ASP B 57 11.49 -12.51 -6.47
C ASP B 57 10.04 -12.82 -6.08
N VAL B 58 9.15 -12.71 -7.10
CA VAL B 58 7.72 -12.99 -6.94
C VAL B 58 7.13 -13.35 -8.30
N GLN B 59 6.32 -14.41 -8.31
CA GLN B 59 5.49 -14.82 -9.45
C GLN B 59 4.16 -14.07 -9.35
N CYS B 60 4.01 -13.10 -10.25
CA CYS B 60 2.71 -12.49 -10.47
C CYS B 60 1.94 -13.23 -11.57
N VAL B 61 0.62 -13.27 -11.39
CA VAL B 61 -0.30 -13.99 -12.27
C VAL B 61 -1.55 -13.12 -12.43
N VAL B 62 -2.03 -13.01 -13.67
N VAL B 62 -2.02 -12.99 -13.67
CA VAL B 62 -3.34 -12.41 -13.89
CA VAL B 62 -3.32 -12.37 -13.95
C VAL B 62 -4.20 -13.39 -14.67
C VAL B 62 -4.17 -13.41 -14.66
N ALA B 63 -5.37 -13.67 -14.11
CA ALA B 63 -6.36 -14.52 -14.73
C ALA B 63 -7.56 -13.67 -15.18
N PRO B 64 -7.59 -13.27 -16.48
CA PRO B 64 -8.74 -12.58 -17.06
C PRO B 64 -9.84 -13.55 -17.50
N SER B 65 -11.04 -13.00 -17.79
CA SER B 65 -12.06 -13.78 -18.50
C SER B 65 -11.47 -14.25 -19.83
N PHE B 66 -12.00 -15.37 -20.36
CA PHE B 66 -11.40 -15.98 -21.55
C PHE B 66 -11.24 -14.99 -22.71
N VAL B 67 -12.30 -14.21 -22.94
CA VAL B 67 -12.33 -13.33 -24.11
C VAL B 67 -11.33 -12.17 -23.96
N HIS B 68 -10.85 -11.91 -22.71
CA HIS B 68 -9.87 -10.85 -22.47
C HIS B 68 -8.43 -11.36 -22.45
N ILE B 69 -8.20 -12.68 -22.54
CA ILE B 69 -6.85 -13.25 -22.50
C ILE B 69 -5.99 -12.63 -23.62
N PRO B 70 -6.45 -12.61 -24.90
CA PRO B 70 -5.66 -12.03 -26.00
C PRO B 70 -5.18 -10.60 -25.75
N MET B 71 -6.02 -9.69 -25.26
CA MET B 71 -5.61 -8.31 -25.09
C MET B 71 -4.63 -8.18 -23.91
N VAL B 72 -4.77 -9.03 -22.88
CA VAL B 72 -3.86 -9.02 -21.74
C VAL B 72 -2.49 -9.57 -22.18
N GLN B 73 -2.49 -10.69 -22.92
CA GLN B 73 -1.26 -11.22 -23.46
C GLN B 73 -0.55 -10.18 -24.32
N ALA B 74 -1.32 -9.45 -25.14
CA ALA B 74 -0.78 -8.46 -26.07
C ALA B 74 -0.22 -7.21 -25.34
N LYS B 75 -0.83 -6.76 -24.23
CA LYS B 75 -0.46 -5.48 -23.61
C LYS B 75 0.44 -5.65 -22.38
N LEU B 76 0.42 -6.80 -21.68
CA LEU B 76 1.12 -6.96 -20.41
C LEU B 76 2.62 -7.21 -20.67
N CYS B 77 3.46 -6.30 -20.14
CA CYS B 77 4.89 -6.27 -20.44
C CYS B 77 5.73 -6.50 -19.16
N ASN B 78 5.08 -6.51 -17.98
CA ASN B 78 5.79 -6.63 -16.70
C ASN B 78 6.43 -8.01 -16.58
N PRO B 79 7.79 -8.10 -16.40
CA PRO B 79 8.53 -9.36 -16.46
C PRO B 79 8.14 -10.34 -15.36
N LYS B 80 7.55 -9.87 -14.25
CA LYS B 80 7.18 -10.79 -13.17
C LYS B 80 5.87 -11.56 -13.41
N TYR B 81 5.18 -11.31 -14.53
CA TYR B 81 3.82 -11.81 -14.71
C TYR B 81 3.75 -12.98 -15.68
N ALA B 82 2.81 -13.89 -15.40
CA ALA B 82 2.29 -14.85 -16.36
C ALA B 82 0.78 -14.65 -16.45
N VAL B 83 0.22 -15.01 -17.61
CA VAL B 83 -1.23 -15.00 -17.79
C VAL B 83 -1.81 -16.40 -17.52
N SER B 84 -2.98 -16.42 -16.84
CA SER B 84 -3.68 -17.64 -16.42
C SER B 84 -5.11 -17.66 -16.98
N ALA B 85 -5.66 -18.85 -17.24
CA ALA B 85 -7.09 -19.00 -17.43
C ALA B 85 -7.75 -19.14 -16.06
N GLU B 86 -9.06 -18.84 -15.99
CA GLU B 86 -9.84 -18.97 -14.77
C GLU B 86 -10.48 -20.34 -14.63
N ASN B 87 -10.41 -21.14 -15.69
CA ASN B 87 -10.99 -22.48 -15.77
C ASN B 87 -10.53 -23.12 -17.08
N ALA B 88 -10.69 -24.44 -17.20
CA ALA B 88 -10.56 -25.13 -18.49
C ALA B 88 -11.16 -26.54 -18.42
N ILE B 89 -11.35 -27.16 -19.61
CA ILE B 89 -11.61 -28.60 -19.70
C ILE B 89 -10.41 -29.30 -20.33
N ALA B 90 -10.33 -30.64 -20.18
CA ALA B 90 -9.11 -31.38 -20.48
C ALA B 90 -8.81 -31.43 -21.98
N LYS B 91 -9.86 -31.62 -22.78
CA LYS B 91 -9.62 -31.90 -24.18
C LYS B 91 -10.59 -31.16 -25.10
N SER B 92 -10.05 -30.90 -26.31
CA SER B 92 -10.81 -30.30 -27.38
C SER B 92 -11.84 -31.28 -27.92
N GLY B 93 -12.84 -30.73 -28.63
CA GLY B 93 -13.89 -31.53 -29.21
C GLY B 93 -15.24 -30.87 -29.00
N ALA B 94 -16.25 -31.71 -28.83
CA ALA B 94 -17.63 -31.28 -28.97
C ALA B 94 -18.17 -30.84 -27.59
N PHE B 95 -17.69 -29.70 -27.10
CA PHE B 95 -18.02 -29.20 -25.77
C PHE B 95 -18.34 -27.71 -25.91
N THR B 96 -19.46 -27.44 -26.57
CA THR B 96 -19.84 -26.10 -26.96
C THR B 96 -19.76 -25.20 -25.73
N GLY B 97 -19.06 -24.07 -25.86
CA GLY B 97 -19.00 -23.02 -24.85
C GLY B 97 -17.74 -23.07 -23.97
N GLU B 98 -17.05 -24.22 -23.94
CA GLU B 98 -15.92 -24.48 -23.07
C GLU B 98 -14.61 -24.22 -23.81
N VAL B 99 -13.55 -24.02 -23.01
CA VAL B 99 -12.21 -23.78 -23.48
C VAL B 99 -11.30 -24.88 -22.91
N SER B 100 -10.56 -25.55 -23.80
CA SER B 100 -9.75 -26.70 -23.43
C SER B 100 -8.30 -26.27 -23.12
N MET B 101 -7.61 -27.20 -22.47
CA MET B 101 -6.23 -27.02 -22.10
C MET B 101 -5.32 -27.03 -23.33
N PRO B 102 -5.55 -27.90 -24.36
CA PRO B 102 -4.78 -27.78 -25.61
C PRO B 102 -4.93 -26.41 -26.26
N ILE B 103 -6.17 -25.85 -26.25
CA ILE B 103 -6.39 -24.52 -26.84
C ILE B 103 -5.57 -23.44 -26.13
N LEU B 104 -5.60 -23.47 -24.79
CA LEU B 104 -4.84 -22.51 -23.99
C LEU B 104 -3.33 -22.65 -24.28
N LYS B 105 -2.83 -23.88 -24.33
CA LYS B 105 -1.42 -24.08 -24.57
C LYS B 105 -1.05 -23.51 -25.94
N ASP B 106 -1.84 -23.80 -26.97
CA ASP B 106 -1.59 -23.22 -28.29
C ASP B 106 -1.61 -21.68 -28.24
N LEU B 107 -2.46 -21.06 -27.41
CA LEU B 107 -2.50 -19.60 -27.26
C LEU B 107 -1.30 -19.05 -26.47
N GLY B 108 -0.50 -19.89 -25.83
CA GLY B 108 0.63 -19.44 -25.03
C GLY B 108 0.30 -19.28 -23.54
N VAL B 109 -0.80 -19.89 -23.06
CA VAL B 109 -1.19 -19.79 -21.65
C VAL B 109 -0.76 -21.07 -20.93
N SER B 110 0.02 -20.97 -19.84
CA SER B 110 0.49 -22.19 -19.17
C SER B 110 0.18 -22.20 -17.66
N TRP B 111 -0.74 -21.32 -17.23
CA TRP B 111 -1.34 -21.31 -15.90
C TRP B 111 -2.85 -21.47 -16.00
N VAL B 112 -3.45 -22.10 -14.98
CA VAL B 112 -4.89 -22.24 -14.89
C VAL B 112 -5.27 -22.32 -13.42
N ILE B 113 -6.36 -21.59 -13.10
CA ILE B 113 -7.04 -21.74 -11.83
C ILE B 113 -8.07 -22.85 -11.99
N LEU B 114 -8.10 -23.80 -11.05
CA LEU B 114 -9.04 -24.89 -11.09
C LEU B 114 -9.69 -25.08 -9.72
N GLY B 115 -10.98 -25.44 -9.75
CA GLY B 115 -11.71 -25.72 -8.54
C GLY B 115 -12.10 -24.48 -7.72
N HIS B 116 -12.14 -23.28 -8.34
CA HIS B 116 -12.60 -22.12 -7.60
C HIS B 116 -13.96 -22.43 -6.96
N SER B 117 -14.20 -21.92 -5.74
CA SER B 117 -15.45 -22.16 -5.01
C SER B 117 -16.70 -21.78 -5.83
N GLU B 118 -16.61 -20.74 -6.68
CA GLU B 118 -17.73 -20.36 -7.52
C GLU B 118 -18.10 -21.50 -8.47
N ARG B 119 -17.09 -22.20 -8.98
CA ARG B 119 -17.31 -23.33 -9.91
C ARG B 119 -17.79 -24.56 -9.12
N ARG B 120 -17.28 -24.74 -7.90
CA ARG B 120 -17.73 -25.86 -7.08
C ARG B 120 -19.19 -25.70 -6.69
N THR B 121 -19.60 -24.45 -6.46
CA THR B 121 -20.96 -24.15 -6.01
C THR B 121 -21.93 -24.05 -7.19
N TYR B 122 -21.60 -23.34 -8.29
CA TYR B 122 -22.62 -23.05 -9.31
C TYR B 122 -22.59 -23.96 -10.55
N TYR B 123 -21.41 -24.55 -10.87
CA TYR B 123 -21.17 -25.12 -12.19
C TYR B 123 -20.73 -26.59 -12.09
N GLY B 124 -21.12 -27.32 -11.03
CA GLY B 124 -21.02 -28.76 -11.07
C GLY B 124 -19.66 -29.36 -10.69
N GLU B 125 -18.72 -28.55 -10.16
CA GLU B 125 -17.38 -29.08 -9.95
C GLU B 125 -17.26 -29.73 -8.57
N THR B 126 -17.50 -31.03 -8.56
CA THR B 126 -17.33 -31.85 -7.36
C THR B 126 -15.85 -32.05 -7.12
N ASP B 127 -15.53 -32.64 -5.95
CA ASP B 127 -14.15 -32.96 -5.62
C ASP B 127 -13.53 -33.80 -6.75
N GLY B 128 -14.28 -34.76 -7.31
CA GLY B 128 -13.76 -35.68 -8.31
C GLY B 128 -13.51 -34.96 -9.62
N VAL B 129 -14.41 -34.04 -9.96
CA VAL B 129 -14.26 -33.26 -11.18
C VAL B 129 -13.03 -32.36 -11.05
N VAL B 130 -12.84 -31.69 -9.91
CA VAL B 130 -11.71 -30.79 -9.76
C VAL B 130 -10.41 -31.60 -9.81
N ALA B 131 -10.36 -32.70 -9.05
CA ALA B 131 -9.17 -33.56 -9.02
C ALA B 131 -8.75 -33.95 -10.44
N GLN B 132 -9.73 -34.36 -11.26
CA GLN B 132 -9.44 -34.86 -12.60
C GLN B 132 -8.89 -33.72 -13.47
N LYS B 133 -9.53 -32.52 -13.40
CA LYS B 133 -9.04 -31.36 -14.13
C LYS B 133 -7.61 -31.03 -13.74
N VAL B 134 -7.31 -31.04 -12.42
CA VAL B 134 -5.96 -30.73 -11.96
C VAL B 134 -4.96 -31.74 -12.52
N ALA B 135 -5.26 -33.06 -12.47
CA ALA B 135 -4.40 -34.08 -13.08
C ALA B 135 -4.18 -33.80 -14.57
N ASP B 136 -5.27 -33.49 -15.29
CA ASP B 136 -5.23 -33.23 -16.72
C ASP B 136 -4.32 -32.04 -17.01
N ALA B 137 -4.49 -30.97 -16.25
CA ALA B 137 -3.62 -29.82 -16.44
C ALA B 137 -2.13 -30.14 -16.15
N TYR B 138 -1.83 -30.82 -15.03
CA TYR B 138 -0.47 -31.30 -14.73
C TYR B 138 0.08 -32.04 -15.94
N ASN B 139 -0.69 -33.00 -16.42
CA ASN B 139 -0.19 -33.87 -17.47
C ASN B 139 0.09 -33.08 -18.76
N GLN B 140 -0.54 -31.91 -18.97
CA GLN B 140 -0.33 -31.10 -20.17
C GLN B 140 0.60 -29.94 -19.91
N GLY B 141 1.31 -30.00 -18.76
CA GLY B 141 2.43 -29.10 -18.54
C GLY B 141 2.03 -27.76 -17.90
N PHE B 142 0.83 -27.64 -17.33
CA PHE B 142 0.40 -26.38 -16.73
C PHE B 142 0.94 -26.22 -15.30
N MET B 143 1.05 -24.94 -14.90
CA MET B 143 1.05 -24.54 -13.50
C MET B 143 -0.42 -24.39 -13.10
N VAL B 144 -0.78 -24.94 -11.91
CA VAL B 144 -2.15 -25.03 -11.47
C VAL B 144 -2.31 -24.33 -10.14
N ILE B 145 -3.23 -23.35 -10.09
CA ILE B 145 -3.70 -22.85 -8.82
C ILE B 145 -4.96 -23.64 -8.45
N ALA B 146 -4.85 -24.59 -7.51
CA ALA B 146 -5.94 -25.49 -7.17
C ALA B 146 -6.59 -24.96 -5.90
N CYS B 147 -7.91 -24.63 -5.96
CA CYS B 147 -8.60 -23.95 -4.88
C CYS B 147 -9.30 -24.99 -4.01
N ILE B 148 -9.23 -24.77 -2.68
CA ILE B 148 -9.96 -25.54 -1.67
C ILE B 148 -10.56 -24.55 -0.68
N GLY B 149 -11.56 -25.00 0.09
CA GLY B 149 -12.05 -24.22 1.21
C GLY B 149 -13.46 -24.62 1.62
N GLU B 150 -13.79 -24.29 2.88
CA GLU B 150 -15.03 -24.75 3.51
C GLU B 150 -16.03 -23.61 3.66
N THR B 151 -17.32 -24.00 3.65
CA THR B 151 -18.47 -23.11 3.75
C THR B 151 -18.71 -22.75 5.23
N LEU B 152 -19.60 -21.76 5.46
CA LEU B 152 -20.02 -21.33 6.80
C LEU B 152 -20.72 -22.47 7.55
N GLN B 153 -21.54 -23.25 6.85
CA GLN B 153 -22.20 -24.42 7.43
C GLN B 153 -21.18 -25.46 7.84
N GLN B 154 -20.15 -25.64 7.02
CA GLN B 154 -19.13 -26.63 7.33
C GLN B 154 -18.24 -26.15 8.47
N ARG B 155 -17.85 -24.89 8.45
CA ARG B 155 -17.06 -24.34 9.59
C ARG B 155 -17.85 -24.41 10.91
N GLU B 156 -19.13 -24.01 10.88
CA GLU B 156 -19.94 -24.03 12.10
C GLU B 156 -20.19 -25.44 12.60
N ALA B 157 -20.11 -26.49 11.75
CA ALA B 157 -20.16 -27.86 12.21
C ALA B 157 -18.77 -28.33 12.68
N ASN B 158 -17.83 -27.38 12.83
CA ASN B 158 -16.44 -27.66 13.21
C ASN B 158 -15.82 -28.67 12.24
N GLN B 159 -16.01 -28.47 10.92
CA GLN B 159 -15.45 -29.41 9.90
C GLN B 159 -14.38 -28.75 9.00
N THR B 160 -13.72 -27.69 9.47
CA THR B 160 -12.71 -27.05 8.65
C THR B 160 -11.67 -28.07 8.19
N ALA B 161 -11.00 -28.77 9.10
CA ALA B 161 -9.94 -29.71 8.73
C ALA B 161 -10.47 -30.81 7.81
N LYS B 162 -11.61 -31.41 8.15
CA LYS B 162 -12.09 -32.57 7.40
C LYS B 162 -12.35 -32.16 5.94
N VAL B 163 -12.94 -30.97 5.75
CA VAL B 163 -13.27 -30.51 4.41
C VAL B 163 -12.03 -30.17 3.59
N VAL B 164 -11.16 -29.25 4.04
CA VAL B 164 -10.01 -28.85 3.24
C VAL B 164 -9.07 -30.03 2.98
N LEU B 165 -8.88 -30.93 3.97
CA LEU B 165 -8.00 -32.07 3.77
C LEU B 165 -8.63 -33.08 2.81
N SER B 166 -9.96 -33.25 2.88
N SER B 166 -9.96 -33.27 2.87
CA SER B 166 -10.67 -34.14 1.96
CA SER B 166 -10.67 -34.13 1.93
C SER B 166 -10.59 -33.62 0.50
C SER B 166 -10.53 -33.61 0.50
N GLN B 167 -10.69 -32.30 0.32
CA GLN B 167 -10.62 -31.71 -1.00
C GLN B 167 -9.21 -31.83 -1.55
N THR B 168 -8.21 -31.59 -0.67
CA THR B 168 -6.81 -31.68 -1.05
C THR B 168 -6.45 -33.13 -1.36
N ALA B 169 -7.01 -34.06 -0.59
CA ALA B 169 -6.76 -35.48 -0.81
C ALA B 169 -7.38 -36.01 -2.12
N ALA B 170 -8.55 -35.49 -2.50
CA ALA B 170 -9.15 -35.83 -3.80
C ALA B 170 -8.18 -35.47 -4.95
N ILE B 171 -7.50 -34.30 -4.84
CA ILE B 171 -6.52 -33.85 -5.84
C ILE B 171 -5.25 -34.72 -5.81
N ALA B 172 -4.74 -34.97 -4.61
CA ALA B 172 -3.52 -35.76 -4.45
C ALA B 172 -3.69 -37.18 -5.00
N ALA B 173 -4.91 -37.73 -4.91
CA ALA B 173 -5.19 -39.10 -5.29
C ALA B 173 -4.83 -39.34 -6.75
N LYS B 174 -4.94 -38.28 -7.59
CA LYS B 174 -4.73 -38.38 -9.03
C LYS B 174 -3.33 -37.90 -9.45
N LEU B 175 -2.43 -37.54 -8.51
CA LEU B 175 -1.13 -36.99 -8.88
C LEU B 175 0.02 -37.87 -8.40
N PRO B 176 1.08 -38.05 -9.20
CA PRO B 176 2.32 -38.61 -8.70
C PRO B 176 3.06 -37.56 -7.86
N LYS B 177 3.98 -38.04 -7.04
CA LYS B 177 4.70 -37.16 -6.13
C LYS B 177 5.38 -36.01 -6.88
N GLU B 178 5.95 -36.28 -8.05
CA GLU B 178 6.70 -35.28 -8.79
C GLU B 178 5.79 -34.20 -9.42
N ALA B 179 4.45 -34.39 -9.41
CA ALA B 179 3.54 -33.39 -9.97
C ALA B 179 3.48 -32.11 -9.14
N TRP B 180 3.83 -32.18 -7.84
CA TRP B 180 3.64 -31.09 -6.90
C TRP B 180 4.50 -29.86 -7.25
N SER B 181 5.57 -30.03 -8.05
CA SER B 181 6.33 -28.87 -8.54
C SER B 181 5.41 -27.95 -9.36
N GLN B 182 4.33 -28.47 -9.94
CA GLN B 182 3.40 -27.71 -10.79
C GLN B 182 2.11 -27.28 -10.05
N ILE B 183 1.99 -27.61 -8.75
CA ILE B 183 0.76 -27.40 -7.96
C ILE B 183 0.97 -26.24 -6.97
N VAL B 184 -0.04 -25.36 -6.92
CA VAL B 184 -0.17 -24.30 -5.95
C VAL B 184 -1.56 -24.44 -5.31
N LEU B 185 -1.63 -24.47 -3.99
CA LEU B 185 -2.93 -24.50 -3.36
C LEU B 185 -3.36 -23.08 -3.06
N ALA B 186 -4.68 -22.83 -3.20
CA ALA B 186 -5.29 -21.59 -2.76
C ALA B 186 -6.44 -21.90 -1.81
N TYR B 187 -6.30 -21.42 -0.56
CA TYR B 187 -7.32 -21.58 0.49
C TYR B 187 -8.32 -20.41 0.41
N GLU B 188 -9.59 -20.72 0.10
CA GLU B 188 -10.67 -19.75 0.11
C GLU B 188 -11.53 -19.98 1.35
N PRO B 189 -11.49 -19.06 2.34
CA PRO B 189 -12.44 -19.08 3.45
C PRO B 189 -13.85 -18.67 3.01
N VAL B 190 -14.57 -19.59 2.33
CA VAL B 190 -15.88 -19.34 1.75
C VAL B 190 -16.83 -18.85 2.86
N TRP B 191 -16.61 -19.40 4.06
CA TRP B 191 -17.37 -19.06 5.24
C TRP B 191 -17.40 -17.57 5.56
N ALA B 192 -16.49 -16.75 5.04
CA ALA B 192 -16.42 -15.33 5.40
C ALA B 192 -17.10 -14.41 4.38
N ILE B 193 -17.67 -14.96 3.30
CA ILE B 193 -18.71 -14.34 2.45
C ILE B 193 -18.11 -14.05 1.08
N ALA B 199 -12.27 -13.38 8.09
CA ALA B 199 -11.17 -14.24 8.64
C ALA B 199 -10.03 -13.36 9.09
N THR B 200 -9.50 -13.66 10.29
CA THR B 200 -8.33 -12.98 10.81
C THR B 200 -7.09 -13.61 10.20
N PRO B 201 -5.94 -12.91 10.23
CA PRO B 201 -4.68 -13.52 9.79
C PRO B 201 -4.30 -14.78 10.57
N GLU B 202 -4.72 -14.88 11.85
CA GLU B 202 -4.47 -16.05 12.66
C GLU B 202 -5.30 -17.23 12.15
N GLN B 203 -6.57 -17.01 11.82
CA GLN B 203 -7.44 -18.08 11.33
C GLN B 203 -6.95 -18.58 9.97
N ALA B 204 -6.44 -17.65 9.12
CA ALA B 204 -5.84 -18.01 7.85
C ALA B 204 -4.63 -18.91 8.08
N GLN B 205 -3.68 -18.50 8.94
CA GLN B 205 -2.46 -19.26 9.22
C GLN B 205 -2.74 -20.69 9.74
N GLU B 206 -3.77 -20.83 10.59
CA GLU B 206 -4.10 -22.12 11.17
C GLU B 206 -4.52 -23.09 10.06
N VAL B 207 -5.30 -22.63 9.07
CA VAL B 207 -5.72 -23.56 8.01
C VAL B 207 -4.52 -23.84 7.10
N HIS B 208 -3.73 -22.82 6.76
CA HIS B 208 -2.54 -23.07 5.94
C HIS B 208 -1.59 -24.06 6.62
N ALA B 209 -1.42 -23.92 7.94
CA ALA B 209 -0.56 -24.81 8.73
C ALA B 209 -1.05 -26.25 8.66
N LEU B 210 -2.35 -26.46 8.87
CA LEU B 210 -2.90 -27.82 8.85
C LEU B 210 -2.76 -28.43 7.43
N LEU B 211 -2.91 -27.62 6.38
CA LEU B 211 -2.77 -28.10 5.00
C LEU B 211 -1.31 -28.50 4.79
N ARG B 212 -0.36 -27.64 5.22
CA ARG B 212 1.04 -27.96 5.00
C ARG B 212 1.41 -29.24 5.75
N GLN B 213 0.92 -29.41 6.99
CA GLN B 213 1.19 -30.58 7.80
C GLN B 213 0.68 -31.84 7.11
N TRP B 214 -0.51 -31.77 6.50
CA TRP B 214 -1.07 -32.91 5.79
C TRP B 214 -0.18 -33.29 4.62
N VAL B 215 0.22 -32.30 3.81
CA VAL B 215 1.06 -32.59 2.68
C VAL B 215 2.38 -33.19 3.19
N SER B 216 2.93 -32.62 4.27
CA SER B 216 4.19 -33.09 4.84
C SER B 216 4.11 -34.56 5.25
N GLU B 217 3.04 -34.97 5.92
CA GLU B 217 2.91 -36.31 6.49
C GLU B 217 2.55 -37.31 5.38
N LYS B 218 1.69 -36.89 4.43
CA LYS B 218 1.08 -37.80 3.48
C LYS B 218 1.92 -37.90 2.21
N ILE B 219 2.53 -36.78 1.78
CA ILE B 219 3.18 -36.75 0.47
C ILE B 219 4.69 -36.73 0.64
N GLY B 220 5.21 -35.88 1.53
CA GLY B 220 6.66 -35.83 1.75
C GLY B 220 7.07 -34.48 2.33
N ASN B 221 8.17 -34.46 3.12
CA ASN B 221 8.53 -33.22 3.81
C ASN B 221 9.07 -32.18 2.82
N GLY B 222 9.88 -32.63 1.84
CA GLY B 222 10.45 -31.76 0.84
C GLY B 222 9.37 -31.08 0.01
N VAL B 223 8.40 -31.88 -0.48
CA VAL B 223 7.23 -31.36 -1.20
C VAL B 223 6.49 -30.30 -0.36
N ALA B 224 6.27 -30.52 0.97
CA ALA B 224 5.53 -29.59 1.82
C ALA B 224 6.28 -28.25 1.97
N THR B 225 7.60 -28.31 2.18
CA THR B 225 8.43 -27.13 2.36
C THR B 225 8.33 -26.23 1.13
N LYS B 226 8.36 -26.81 -0.07
CA LYS B 226 8.44 -26.07 -1.32
C LYS B 226 7.06 -25.62 -1.87
N LEU B 227 5.96 -26.16 -1.33
CA LEU B 227 4.64 -25.91 -1.91
C LEU B 227 4.18 -24.49 -1.57
N ARG B 228 3.66 -23.77 -2.57
CA ARG B 228 3.02 -22.50 -2.29
C ARG B 228 1.56 -22.77 -1.89
N ILE B 229 1.17 -22.22 -0.71
CA ILE B 229 -0.21 -22.16 -0.23
C ILE B 229 -0.61 -20.69 -0.11
N LEU B 230 -1.41 -20.26 -1.10
CA LEU B 230 -1.89 -18.89 -1.22
C LEU B 230 -3.16 -18.69 -0.41
N TYR B 231 -3.29 -17.53 0.19
CA TYR B 231 -4.55 -17.15 0.83
C TYR B 231 -5.46 -16.48 -0.20
N GLY B 232 -6.69 -16.98 -0.28
CA GLY B 232 -7.68 -16.46 -1.20
C GLY B 232 -8.95 -15.94 -0.53
N GLY B 233 -8.87 -15.51 0.74
CA GLY B 233 -9.92 -14.68 1.33
C GLY B 233 -9.79 -13.22 0.86
N SER B 234 -10.40 -12.29 1.60
N SER B 234 -10.44 -12.27 1.55
CA SER B 234 -10.35 -10.87 1.27
CA SER B 234 -10.35 -10.84 1.23
C SER B 234 -8.94 -10.34 1.45
C SER B 234 -8.93 -10.36 1.44
N VAL B 235 -8.29 -9.91 0.36
CA VAL B 235 -6.94 -9.40 0.41
C VAL B 235 -6.97 -7.96 -0.10
N THR B 236 -6.36 -7.06 0.70
CA THR B 236 -6.35 -5.62 0.45
C THR B 236 -4.93 -5.08 0.64
N ALA B 237 -4.70 -3.85 0.16
CA ALA B 237 -3.52 -3.12 0.54
C ALA B 237 -3.42 -3.05 2.07
N GLY B 238 -4.55 -2.92 2.78
CA GLY B 238 -4.56 -2.78 4.24
C GLY B 238 -4.05 -4.03 4.99
N ASN B 239 -4.43 -5.23 4.54
CA ASN B 239 -4.14 -6.42 5.33
C ASN B 239 -3.04 -7.31 4.75
N ALA B 240 -2.51 -7.03 3.55
CA ALA B 240 -1.60 -7.95 2.85
C ALA B 240 -0.35 -8.27 3.67
N LYS B 241 0.30 -7.26 4.26
CA LYS B 241 1.58 -7.47 4.94
C LYS B 241 1.40 -8.36 6.19
N THR B 242 0.36 -8.12 7.00
N THR B 242 0.35 -8.11 6.98
CA THR B 242 0.11 -8.94 8.18
CA THR B 242 0.04 -8.91 8.16
C THR B 242 -0.21 -10.38 7.76
C THR B 242 -0.20 -10.36 7.76
N LEU B 243 -0.88 -10.55 6.62
CA LEU B 243 -1.17 -11.89 6.12
C LEU B 243 0.14 -12.55 5.66
N TYR B 244 0.96 -11.85 4.86
CA TYR B 244 2.17 -12.45 4.31
C TYR B 244 3.24 -12.75 5.40
N MET B 245 3.18 -12.03 6.51
CA MET B 245 4.03 -12.27 7.67
C MET B 245 3.82 -13.71 8.21
N LYS B 246 2.67 -14.35 7.96
CA LYS B 246 2.42 -15.66 8.56
C LYS B 246 3.33 -16.73 7.93
N PRO B 247 3.88 -17.71 8.72
CA PRO B 247 4.90 -18.62 8.18
C PRO B 247 4.42 -19.54 7.06
N ASP B 248 3.12 -19.81 6.99
CA ASP B 248 2.61 -20.80 6.03
C ASP B 248 1.78 -20.16 4.92
N ILE B 249 1.88 -18.83 4.78
CA ILE B 249 1.18 -18.09 3.74
C ILE B 249 2.19 -17.59 2.71
N ASN B 250 2.00 -18.02 1.46
CA ASN B 250 3.01 -17.86 0.42
C ASN B 250 2.55 -16.91 -0.69
N GLY B 251 1.57 -16.07 -0.36
CA GLY B 251 1.05 -15.10 -1.30
C GLY B 251 -0.47 -15.21 -1.34
N PHE B 252 -1.04 -14.81 -2.47
CA PHE B 252 -2.46 -14.48 -2.52
C PHE B 252 -3.10 -14.86 -3.84
N LEU B 253 -4.40 -15.23 -3.77
CA LEU B 253 -5.30 -15.27 -4.92
C LEU B 253 -6.34 -14.19 -4.69
N VAL B 254 -6.21 -13.08 -5.41
CA VAL B 254 -6.83 -11.83 -5.02
C VAL B 254 -8.07 -11.63 -5.89
N GLY B 255 -9.17 -11.25 -5.21
CA GLY B 255 -10.45 -10.96 -5.84
C GLY B 255 -10.58 -9.48 -6.21
N GLY B 256 -11.49 -8.77 -5.54
CA GLY B 256 -11.89 -7.45 -6.02
C GLY B 256 -10.75 -6.44 -6.12
N ALA B 257 -9.78 -6.50 -5.21
CA ALA B 257 -8.67 -5.54 -5.22
C ALA B 257 -7.74 -5.69 -6.44
N SER B 258 -7.74 -6.88 -7.08
CA SER B 258 -6.91 -7.14 -8.24
C SER B 258 -7.41 -6.40 -9.49
N LEU B 259 -8.58 -5.75 -9.41
CA LEU B 259 -9.11 -4.91 -10.51
C LEU B 259 -8.69 -3.44 -10.35
N LYS B 260 -7.86 -3.12 -9.35
CA LYS B 260 -7.53 -1.76 -9.00
C LYS B 260 -5.99 -1.58 -8.87
N PRO B 261 -5.48 -0.33 -8.93
CA PRO B 261 -4.06 -0.04 -8.65
C PRO B 261 -3.52 -0.62 -7.33
N GLU B 262 -4.42 -0.85 -6.37
CA GLU B 262 -4.09 -1.45 -5.04
C GLU B 262 -3.41 -2.83 -5.16
N PHE B 263 -3.60 -3.50 -6.30
CA PHE B 263 -2.94 -4.78 -6.53
C PHE B 263 -1.42 -4.65 -6.41
N ARG B 264 -0.90 -3.51 -6.86
CA ARG B 264 0.55 -3.23 -6.75
C ARG B 264 0.98 -3.27 -5.28
N ASP B 265 0.20 -2.63 -4.40
CA ASP B 265 0.56 -2.62 -2.99
C ASP B 265 0.59 -4.06 -2.45
N ILE B 266 -0.37 -4.88 -2.92
CA ILE B 266 -0.44 -6.27 -2.49
C ILE B 266 0.84 -6.99 -2.93
N ILE B 267 1.29 -6.77 -4.17
CA ILE B 267 2.55 -7.37 -4.61
C ILE B 267 3.70 -6.89 -3.70
N ASP B 268 3.73 -5.60 -3.33
CA ASP B 268 4.78 -5.01 -2.50
C ASP B 268 4.87 -5.64 -1.10
N ALA B 269 3.71 -6.06 -0.57
CA ALA B 269 3.62 -6.73 0.72
C ALA B 269 4.33 -8.09 0.79
N THR B 270 4.77 -8.67 -0.35
CA THR B 270 5.47 -9.95 -0.33
C THR B 270 7.01 -9.79 -0.36
N ARG B 271 7.48 -8.54 -0.21
CA ARG B 271 8.87 -8.20 0.00
C ARG B 271 9.35 -8.81 1.32
AS ARS C . -11.18 3.70 17.71
AS ARS D . 6.55 -2.17 -21.23
#